data_5HTV
#
_entry.id   5HTV
#
_cell.length_a   49.565
_cell.length_b   87.454
_cell.length_c   53.364
_cell.angle_alpha   90.00
_cell.angle_beta   96.78
_cell.angle_gamma   90.00
#
_symmetry.space_group_name_H-M   'P 1 21 1'
#
loop_
_entity.id
_entity.type
_entity.pdbx_description
1 polymer 'Putative xylulose kinase'
2 non-polymer 'PHOSPHOAMINOPHOSPHONIC ACID-ADENYLATE ESTER'
3 water water
#
_entity_poly.entity_id   1
_entity_poly.type   'polypeptide(L)'
_entity_poly.pdbx_seq_one_letter_code
;SNAVMSGNKGTNYEKLYLGMDFGTSGGRFTVIDEQGEIKAQGKREYPPFMKEESMGWASSWKATLFSLLEDIPVTVRSLV
SSISLDGTSATTLILNSESGEVLCQPYLYNQSCPDALPEVKSIAPANHTVCSGTSTLCKLVSWWNTEVPNRESAVLLHQA
DWLLWLLHGRLGVSDYNNALKVGYDPESESYPSWLLGQPYSQLLPKVQAPGTSIGNLKESFTRQFGFPDDCIVCTGTTDS
IAAFLAARATEPGKAVTSLGSTLAIKLLSTKRVDDARYGVYSHRLDDKWLVGGASNTGGAILRQLFSDEQLERLSQEINP
MVGSPLDYYPLQSSGERFPIADPNLAPRLLPRPESDVEFLHGILESIARIEGKGYKLLKELGATEAEEVLTAGGGAKNDK
WIKIRQRVLGLPVKKAVHTEASYGASLLALKGAKQNSGL
;
_entity_poly.pdbx_strand_id   A
#
# COMPACT_ATOMS: atom_id res chain seq x y z
N GLU A 14 10.43 -22.06 16.73
CA GLU A 14 9.78 -23.17 16.04
C GLU A 14 8.68 -22.63 15.12
N LYS A 15 7.73 -21.89 15.69
CA LYS A 15 6.59 -21.36 14.93
C LYS A 15 7.00 -20.39 13.83
N LEU A 16 6.26 -20.43 12.71
CA LEU A 16 6.54 -19.56 11.58
C LEU A 16 5.31 -18.76 11.20
N TYR A 17 5.50 -17.74 10.38
CA TYR A 17 4.47 -16.72 10.12
C TYR A 17 4.43 -16.39 8.65
N LEU A 18 3.25 -16.50 8.05
CA LEU A 18 3.10 -16.39 6.62
C LEU A 18 2.41 -15.08 6.20
N GLY A 19 3.05 -14.36 5.29
CA GLY A 19 2.47 -13.17 4.69
C GLY A 19 2.37 -13.35 3.18
N MET A 20 1.25 -12.92 2.62
CA MET A 20 1.09 -12.95 1.17
C MET A 20 0.71 -11.55 0.68
N ASP A 21 1.11 -11.24 -0.55
CA ASP A 21 0.93 -9.95 -1.17
C ASP A 21 0.25 -10.18 -2.51
N PHE A 22 -0.99 -9.72 -2.65
CA PHE A 22 -1.66 -9.83 -3.93
C PHE A 22 -1.60 -8.46 -4.59
N GLY A 23 -0.60 -8.29 -5.45
CA GLY A 23 -0.33 -7.02 -6.10
C GLY A 23 -1.04 -6.86 -7.43
N THR A 24 -0.58 -5.90 -8.22
CA THR A 24 -1.24 -5.58 -9.48
C THR A 24 -1.14 -6.67 -10.56
N SER A 25 -0.10 -7.49 -10.50
CA SER A 25 0.13 -8.45 -11.59
C SER A 25 0.30 -9.89 -11.11
N GLY A 26 0.62 -10.07 -9.84
CA GLY A 26 0.75 -11.42 -9.32
C GLY A 26 0.78 -11.45 -7.82
N GLY A 27 0.95 -12.64 -7.27
CA GLY A 27 1.01 -12.83 -5.84
C GLY A 27 2.40 -13.22 -5.37
N ARG A 28 2.72 -12.85 -4.14
CA ARG A 28 4.03 -13.18 -3.56
C ARG A 28 3.81 -13.65 -2.15
N PHE A 29 4.71 -14.48 -1.63
CA PHE A 29 4.63 -14.86 -0.24
C PHE A 29 6.00 -14.82 0.42
N THR A 30 5.95 -14.58 1.72
CA THR A 30 7.11 -14.62 2.62
C THR A 30 6.73 -15.39 3.88
N VAL A 31 7.58 -16.31 4.31
CA VAL A 31 7.42 -16.95 5.62
C VAL A 31 8.60 -16.53 6.51
N ILE A 32 8.32 -16.01 7.71
CA ILE A 32 9.38 -15.64 8.67
C ILE A 32 9.29 -16.38 9.99
N ASP A 33 10.37 -16.39 10.76
CA ASP A 33 10.28 -16.77 12.17
C ASP A 33 10.06 -15.50 12.98
N GLU A 34 9.95 -15.62 14.30
CA GLU A 34 9.61 -14.44 15.10
C GLU A 34 10.69 -13.37 15.08
N GLN A 35 11.91 -13.77 14.75
CA GLN A 35 13.01 -12.81 14.65
C GLN A 35 13.06 -12.12 13.26
N GLY A 36 12.13 -12.45 12.37
CA GLY A 36 12.10 -11.82 11.05
C GLY A 36 13.01 -12.44 10.00
N GLU A 37 13.65 -13.56 10.34
CA GLU A 37 14.44 -14.30 9.34
C GLU A 37 13.51 -14.99 8.33
N ILE A 38 13.82 -14.85 7.05
CA ILE A 38 13.00 -15.46 5.99
C ILE A 38 13.32 -16.93 5.81
N LYS A 39 12.30 -17.78 5.88
CA LYS A 39 12.49 -19.23 5.72
C LYS A 39 12.06 -19.72 4.34
N ALA A 40 11.13 -19.00 3.72
CA ALA A 40 10.67 -19.32 2.37
C ALA A 40 10.07 -18.09 1.74
N GLN A 41 10.23 -17.93 0.43
CA GLN A 41 9.58 -16.83 -0.26
C GLN A 41 9.37 -17.24 -1.72
N GLY A 42 8.36 -16.64 -2.35
CA GLY A 42 8.06 -17.03 -3.73
C GLY A 42 7.06 -16.12 -4.40
N LYS A 43 6.91 -16.28 -5.71
CA LYS A 43 6.06 -15.39 -6.48
C LYS A 43 5.40 -16.16 -7.61
N ARG A 44 4.23 -15.70 -8.02
CA ARG A 44 3.44 -16.33 -9.07
C ARG A 44 2.69 -15.24 -9.83
N GLU A 45 2.71 -15.29 -11.16
CA GLU A 45 1.86 -14.35 -11.91
C GLU A 45 0.42 -14.87 -11.92
N TYR A 46 -0.55 -13.97 -11.98
CA TYR A 46 -1.96 -14.40 -12.03
C TYR A 46 -2.23 -15.16 -13.31
N PRO A 47 -2.95 -16.29 -13.22
CA PRO A 47 -3.33 -17.04 -14.43
C PRO A 47 -4.52 -16.41 -15.14
N PRO A 48 -4.75 -16.80 -16.41
CA PRO A 48 -5.95 -16.30 -17.09
C PRO A 48 -7.22 -16.77 -16.39
N PHE A 49 -8.33 -16.09 -16.62
CA PHE A 49 -9.61 -16.64 -16.18
C PHE A 49 -10.46 -16.93 -17.42
N MET A 50 -11.47 -17.79 -17.25
CA MET A 50 -12.39 -18.14 -18.33
C MET A 50 -13.25 -16.94 -18.68
N LYS A 51 -13.36 -16.63 -19.97
CA LYS A 51 -14.15 -15.49 -20.46
C LYS A 51 -15.51 -15.38 -19.77
N GLU A 52 -16.17 -16.53 -19.62
CA GLU A 52 -17.54 -16.59 -19.12
C GLU A 52 -17.65 -16.56 -17.58
N GLU A 53 -16.51 -16.58 -16.91
CA GLU A 53 -16.50 -16.61 -15.45
C GLU A 53 -16.93 -15.28 -14.84
N SER A 54 -18.07 -15.25 -14.17
CA SER A 54 -18.57 -14.02 -13.59
C SER A 54 -17.69 -13.48 -12.46
N MET A 55 -16.86 -14.34 -11.86
CA MET A 55 -15.90 -13.91 -10.84
C MET A 55 -14.76 -13.10 -11.44
N GLY A 56 -14.54 -13.24 -12.74
CA GLY A 56 -13.43 -12.60 -13.41
C GLY A 56 -12.07 -12.83 -12.74
N TRP A 57 -11.34 -11.74 -12.56
CA TRP A 57 -10.02 -11.80 -11.94
C TRP A 57 -10.01 -12.51 -10.59
N ALA A 58 -11.13 -12.47 -9.88
CA ALA A 58 -11.16 -13.13 -8.58
C ALA A 58 -10.85 -14.62 -8.71
N SER A 59 -11.31 -15.26 -9.79
CA SER A 59 -10.99 -16.67 -9.97
C SER A 59 -9.49 -16.86 -10.12
N SER A 60 -8.84 -15.91 -10.77
CA SER A 60 -7.39 -15.97 -10.91
C SER A 60 -6.72 -15.77 -9.57
N TRP A 61 -7.23 -14.84 -8.76
CA TRP A 61 -6.56 -14.55 -7.49
C TRP A 61 -6.65 -15.79 -6.62
N LYS A 62 -7.82 -16.43 -6.62
CA LYS A 62 -8.02 -17.65 -5.85
C LYS A 62 -7.02 -18.70 -6.30
N ALA A 63 -6.85 -18.84 -7.61
CA ALA A 63 -5.96 -19.87 -8.12
C ALA A 63 -4.56 -19.57 -7.61
N THR A 64 -4.20 -18.30 -7.63
CA THR A 64 -2.85 -17.90 -7.23
C THR A 64 -2.66 -18.19 -5.74
N LEU A 65 -3.72 -17.94 -4.96
CA LEU A 65 -3.62 -18.20 -3.53
C LEU A 65 -3.26 -19.66 -3.36
N PHE A 66 -3.98 -20.55 -4.06
CA PHE A 66 -3.77 -21.96 -3.83
C PHE A 66 -2.38 -22.34 -4.30
N SER A 67 -1.95 -21.73 -5.40
CA SER A 67 -0.64 -22.05 -5.95
C SER A 67 0.42 -21.66 -4.95
N LEU A 68 0.26 -20.48 -4.35
CA LEU A 68 1.29 -19.97 -3.47
C LEU A 68 1.36 -20.92 -2.28
N LEU A 69 0.21 -21.40 -1.82
CA LEU A 69 0.23 -22.25 -0.63
C LEU A 69 0.99 -23.53 -0.94
N GLU A 70 0.78 -24.05 -2.14
CA GLU A 70 1.41 -25.30 -2.53
C GLU A 70 2.92 -25.09 -2.68
N ASP A 71 3.32 -23.86 -3.00
CA ASP A 71 4.73 -23.54 -3.23
C ASP A 71 5.53 -23.51 -1.93
N ILE A 72 4.85 -23.28 -0.82
CA ILE A 72 5.52 -23.31 0.48
C ILE A 72 5.96 -24.74 0.75
N PRO A 73 7.23 -24.93 1.12
CA PRO A 73 7.69 -26.28 1.44
C PRO A 73 6.84 -26.92 2.54
N VAL A 74 6.56 -28.21 2.42
CA VAL A 74 5.63 -28.88 3.33
C VAL A 74 6.10 -28.79 4.79
N THR A 75 7.40 -28.93 5.00
CA THR A 75 7.93 -28.85 6.35
C THR A 75 7.75 -27.44 6.92
N VAL A 76 7.87 -26.42 6.06
CA VAL A 76 7.63 -25.03 6.47
C VAL A 76 6.15 -24.82 6.78
N ARG A 77 5.27 -25.33 5.91
CA ARG A 77 3.82 -25.27 6.15
C ARG A 77 3.44 -25.86 7.51
N SER A 78 4.11 -26.94 7.89
CA SER A 78 3.73 -27.61 9.13
C SER A 78 4.02 -26.78 10.38
N LEU A 79 4.81 -25.71 10.21
CA LEU A 79 5.17 -24.83 11.32
C LEU A 79 4.45 -23.48 11.28
N VAL A 80 3.78 -23.18 10.19
CA VAL A 80 3.15 -21.86 10.02
C VAL A 80 1.94 -21.71 10.94
N SER A 81 1.99 -20.71 11.82
CA SER A 81 1.08 -20.60 12.94
C SER A 81 0.09 -19.46 12.79
N SER A 82 0.36 -18.59 11.84
CA SER A 82 -0.47 -17.40 11.62
C SER A 82 -0.27 -16.94 10.20
N ILE A 83 -1.35 -16.46 9.58
CA ILE A 83 -1.37 -16.04 8.19
C ILE A 83 -2.00 -14.68 8.07
N SER A 84 -1.39 -13.80 7.28
CA SER A 84 -2.01 -12.53 6.92
C SER A 84 -1.68 -12.22 5.46
N LEU A 85 -2.42 -11.30 4.86
CA LEU A 85 -2.13 -10.94 3.47
C LEU A 85 -2.58 -9.54 3.15
N ASP A 86 -1.91 -8.94 2.18
CA ASP A 86 -2.33 -7.63 1.70
C ASP A 86 -2.87 -7.73 0.28
N GLY A 87 -3.67 -6.74 -0.11
CA GLY A 87 -4.15 -6.67 -1.47
C GLY A 87 -4.12 -5.22 -1.94
N THR A 88 -4.57 -4.99 -3.17
CA THR A 88 -4.52 -3.65 -3.72
C THR A 88 -5.66 -2.78 -3.15
N SER A 89 -5.37 -1.49 -2.97
CA SER A 89 -6.31 -0.53 -2.39
C SER A 89 -7.56 -0.31 -3.24
N ALA A 90 -8.73 -0.36 -2.61
CA ALA A 90 -10.03 -0.10 -3.26
C ALA A 90 -10.37 -1.11 -4.38
N THR A 91 -9.75 -2.28 -4.34
CA THR A 91 -10.19 -3.39 -5.19
C THR A 91 -11.35 -4.05 -4.49
N THR A 92 -12.51 -4.00 -5.12
CA THR A 92 -13.77 -4.19 -4.43
C THR A 92 -14.58 -5.35 -5.01
N LEU A 93 -15.06 -6.23 -4.13
CA LEU A 93 -15.93 -7.34 -4.50
C LEU A 93 -17.28 -7.25 -3.80
N ILE A 94 -18.31 -7.75 -4.48
CA ILE A 94 -19.64 -7.83 -3.88
C ILE A 94 -20.08 -9.28 -3.89
N LEU A 95 -20.47 -9.80 -2.73
CA LEU A 95 -20.85 -11.21 -2.61
C LEU A 95 -22.26 -11.37 -2.12
N ASN A 96 -22.90 -12.48 -2.46
CA ASN A 96 -24.12 -12.83 -1.77
C ASN A 96 -23.77 -13.38 -0.39
N SER A 97 -24.47 -12.90 0.64
CA SER A 97 -24.12 -13.25 2.01
C SER A 97 -24.42 -14.71 2.36
N GLU A 98 -25.37 -15.33 1.66
CA GLU A 98 -25.72 -16.71 1.94
C GLU A 98 -24.83 -17.71 1.22
N SER A 99 -24.57 -17.46 -0.06
CA SER A 99 -23.92 -18.44 -0.91
C SER A 99 -22.43 -18.20 -1.09
N GLY A 100 -21.96 -17.01 -0.72
CA GLY A 100 -20.57 -16.64 -0.92
C GLY A 100 -20.26 -16.27 -2.36
N GLU A 101 -21.26 -16.34 -3.23
CA GLU A 101 -21.07 -16.09 -4.65
C GLU A 101 -20.64 -14.65 -4.93
N VAL A 102 -19.56 -14.50 -5.67
CA VAL A 102 -19.15 -13.19 -6.16
C VAL A 102 -20.16 -12.73 -7.21
N LEU A 103 -20.78 -11.58 -6.98
CA LEU A 103 -21.93 -11.20 -7.79
C LEU A 103 -21.55 -10.50 -9.10
N CYS A 104 -20.34 -9.98 -9.18
CA CYS A 104 -19.85 -9.40 -10.44
C CYS A 104 -18.33 -9.44 -10.47
N GLN A 105 -17.76 -9.09 -11.61
CA GLN A 105 -16.31 -8.98 -11.72
C GLN A 105 -15.84 -7.86 -10.79
N PRO A 106 -14.71 -8.06 -10.13
CA PRO A 106 -14.24 -7.08 -9.16
C PRO A 106 -14.03 -5.69 -9.75
N TYR A 107 -14.28 -4.66 -8.94
CA TYR A 107 -13.88 -3.30 -9.31
C TYR A 107 -12.42 -3.14 -8.95
N LEU A 108 -11.55 -3.03 -9.95
CA LEU A 108 -10.12 -3.00 -9.69
C LEU A 108 -9.68 -1.67 -9.11
N TYR A 109 -8.51 -1.67 -8.47
CA TYR A 109 -8.00 -0.51 -7.74
C TYR A 109 -8.01 0.76 -8.57
N ASN A 110 -7.67 0.65 -9.84
CA ASN A 110 -7.51 1.84 -10.69
C ASN A 110 -8.69 2.05 -11.63
N GLN A 111 -9.73 1.26 -11.39
CA GLN A 111 -10.99 1.36 -12.11
C GLN A 111 -11.83 2.46 -11.48
N SER A 112 -12.41 3.32 -12.31
CA SER A 112 -13.16 4.46 -11.81
C SER A 112 -14.66 4.32 -12.04
N CYS A 113 -15.46 4.85 -11.12
CA CYS A 113 -16.91 4.89 -11.26
C CYS A 113 -17.42 6.32 -11.15
N PRO A 114 -17.14 7.14 -12.18
CA PRO A 114 -17.52 8.55 -12.13
C PRO A 114 -19.03 8.76 -12.03
N ASP A 115 -19.81 7.80 -12.51
CA ASP A 115 -21.27 7.87 -12.45
C ASP A 115 -21.78 8.04 -11.02
N ALA A 116 -21.00 7.54 -10.06
CA ALA A 116 -21.42 7.58 -8.67
C ALA A 116 -20.84 8.77 -7.91
N LEU A 117 -19.91 9.49 -8.53
CA LEU A 117 -19.20 10.52 -7.79
C LEU A 117 -20.09 11.68 -7.28
N PRO A 118 -21.06 12.16 -8.09
CA PRO A 118 -21.93 13.20 -7.53
C PRO A 118 -22.68 12.75 -6.27
N GLU A 119 -23.23 11.54 -6.30
CA GLU A 119 -23.94 11.03 -5.14
C GLU A 119 -23.01 11.00 -3.92
N VAL A 120 -21.81 10.47 -4.11
CA VAL A 120 -20.84 10.43 -3.01
C VAL A 120 -20.55 11.84 -2.50
N LYS A 121 -20.40 12.80 -3.42
CA LYS A 121 -20.05 14.14 -2.98
C LYS A 121 -21.23 14.76 -2.25
N SER A 122 -22.42 14.26 -2.55
CA SER A 122 -23.61 14.80 -1.93
C SER A 122 -23.75 14.31 -0.49
N ILE A 123 -23.04 13.24 -0.12
CA ILE A 123 -23.22 12.75 1.24
C ILE A 123 -21.99 12.90 2.10
N ALA A 124 -20.82 12.95 1.47
CA ALA A 124 -19.57 12.94 2.21
C ALA A 124 -19.12 14.35 2.55
N PRO A 125 -18.33 14.51 3.63
CA PRO A 125 -17.74 15.81 3.93
C PRO A 125 -16.92 16.31 2.76
N ALA A 126 -16.80 17.62 2.59
CA ALA A 126 -16.09 18.15 1.43
C ALA A 126 -14.66 17.64 1.41
N ASN A 127 -14.20 17.24 0.24
CA ASN A 127 -12.81 16.83 0.04
C ASN A 127 -12.41 15.58 0.81
N HIS A 128 -13.39 14.79 1.25
CA HIS A 128 -13.13 13.52 1.90
C HIS A 128 -12.39 12.59 0.92
N THR A 129 -11.61 11.65 1.43
CA THR A 129 -10.84 10.79 0.55
C THR A 129 -11.75 9.92 -0.33
N VAL A 130 -13.00 9.69 0.07
CA VAL A 130 -13.90 8.90 -0.78
C VAL A 130 -14.36 9.68 -2.03
N CYS A 131 -14.17 10.99 -2.04
CA CYS A 131 -14.64 11.80 -3.15
C CYS A 131 -13.70 11.72 -4.33
N SER A 132 -13.47 10.49 -4.78
CA SER A 132 -12.65 10.21 -5.95
C SER A 132 -13.31 9.05 -6.66
N GLY A 133 -13.34 9.08 -7.99
CA GLY A 133 -14.04 8.05 -8.75
C GLY A 133 -13.53 6.62 -8.50
N THR A 134 -12.27 6.50 -8.10
CA THR A 134 -11.70 5.18 -7.83
C THR A 134 -11.88 4.68 -6.40
N SER A 135 -12.52 5.48 -5.55
CA SER A 135 -12.73 5.07 -4.16
C SER A 135 -13.67 3.87 -4.06
N THR A 136 -13.47 3.10 -2.98
CA THR A 136 -14.32 1.96 -2.70
C THR A 136 -15.77 2.39 -2.59
N LEU A 137 -16.01 3.57 -2.03
CA LEU A 137 -17.39 4.00 -1.85
C LEU A 137 -18.06 4.32 -3.20
N CYS A 138 -17.34 4.92 -4.15
CA CYS A 138 -17.93 5.15 -5.46
C CYS A 138 -18.28 3.83 -6.14
N LYS A 139 -17.44 2.82 -5.94
CA LYS A 139 -17.69 1.51 -6.53
C LYS A 139 -18.91 0.87 -5.89
N LEU A 140 -19.04 1.01 -4.57
CA LEU A 140 -20.20 0.47 -3.85
C LEU A 140 -21.48 1.14 -4.33
N VAL A 141 -21.45 2.46 -4.43
CA VAL A 141 -22.65 3.21 -4.81
C VAL A 141 -23.01 2.88 -6.26
N SER A 142 -22.01 2.77 -7.11
CA SER A 142 -22.25 2.41 -8.51
C SER A 142 -22.93 1.03 -8.60
N TRP A 143 -22.36 0.06 -7.89
CA TRP A 143 -22.95 -1.28 -7.90
C TRP A 143 -24.38 -1.27 -7.37
N TRP A 144 -24.58 -0.62 -6.23
CA TRP A 144 -25.89 -0.48 -5.59
C TRP A 144 -26.91 0.04 -6.57
N ASN A 145 -26.53 1.10 -7.28
CA ASN A 145 -27.45 1.77 -8.18
C ASN A 145 -27.72 0.96 -9.45
N THR A 146 -26.97 -0.11 -9.69
CA THR A 146 -27.44 -1.00 -10.77
C THR A 146 -28.66 -1.87 -10.40
N GLU A 147 -29.12 -1.78 -9.15
CA GLU A 147 -30.36 -2.42 -8.68
C GLU A 147 -30.47 -3.93 -8.95
N VAL A 148 -29.41 -4.67 -8.60
CA VAL A 148 -29.41 -6.13 -8.65
C VAL A 148 -30.48 -6.71 -7.74
N PRO A 149 -31.27 -7.69 -8.23
CA PRO A 149 -32.24 -8.31 -7.31
C PRO A 149 -31.56 -8.85 -6.05
N ASN A 150 -32.21 -8.63 -4.92
CA ASN A 150 -31.75 -9.10 -3.62
C ASN A 150 -30.41 -8.44 -3.23
N ARG A 151 -30.20 -7.21 -3.69
CA ARG A 151 -28.98 -6.46 -3.37
C ARG A 151 -28.83 -6.25 -1.85
N GLU A 152 -29.93 -6.27 -1.11
CA GLU A 152 -29.85 -6.03 0.33
C GLU A 152 -29.21 -7.21 1.07
N SER A 153 -29.14 -8.36 0.41
CA SER A 153 -28.51 -9.54 1.00
C SER A 153 -27.07 -9.69 0.55
N ALA A 154 -26.51 -8.63 -0.01
CA ALA A 154 -25.11 -8.63 -0.45
C ALA A 154 -24.18 -8.11 0.65
N VAL A 155 -22.89 -8.36 0.49
CA VAL A 155 -21.87 -7.83 1.39
C VAL A 155 -20.68 -7.37 0.54
N LEU A 156 -20.04 -6.29 0.98
CA LEU A 156 -18.84 -5.82 0.31
C LEU A 156 -17.59 -6.37 1.01
N LEU A 157 -16.62 -6.82 0.20
CA LEU A 157 -15.31 -7.19 0.70
C LEU A 157 -14.22 -6.56 -0.15
N HIS A 158 -13.16 -6.09 0.47
CA HIS A 158 -11.98 -5.69 -0.29
C HIS A 158 -11.22 -6.94 -0.69
N GLN A 159 -10.36 -6.84 -1.70
CA GLN A 159 -9.59 -7.98 -2.19
C GLN A 159 -8.93 -8.75 -1.06
N ALA A 160 -8.21 -8.04 -0.21
CA ALA A 160 -7.52 -8.68 0.91
C ALA A 160 -8.51 -9.41 1.80
N ASP A 161 -9.63 -8.74 2.12
CA ASP A 161 -10.65 -9.34 2.98
C ASP A 161 -11.15 -10.64 2.38
N TRP A 162 -11.38 -10.62 1.08
CA TRP A 162 -11.99 -11.77 0.41
C TRP A 162 -11.03 -12.96 0.43
N LEU A 163 -9.77 -12.72 0.06
CA LEU A 163 -8.80 -13.81 0.08
C LEU A 163 -8.64 -14.39 1.50
N LEU A 164 -8.67 -13.52 2.50
CA LEU A 164 -8.60 -14.02 3.87
C LEU A 164 -9.85 -14.85 4.24
N TRP A 165 -11.01 -14.41 3.78
CA TRP A 165 -12.24 -15.12 4.07
C TRP A 165 -12.23 -16.52 3.46
N LEU A 166 -11.59 -16.68 2.30
CA LEU A 166 -11.40 -18.02 1.73
C LEU A 166 -10.67 -18.93 2.71
N LEU A 167 -9.80 -18.35 3.53
CA LEU A 167 -9.01 -19.10 4.49
C LEU A 167 -9.69 -19.35 5.83
N HIS A 168 -10.49 -18.41 6.33
CA HIS A 168 -11.03 -18.56 7.68
C HIS A 168 -12.55 -18.79 7.71
N GLY A 169 -13.24 -18.43 6.65
CA GLY A 169 -14.65 -18.77 6.49
C GLY A 169 -15.61 -17.93 7.31
N ARG A 170 -15.14 -16.82 7.85
CA ARG A 170 -16.00 -15.89 8.57
C ARG A 170 -16.24 -14.66 7.71
N LEU A 171 -17.45 -14.59 7.14
CA LEU A 171 -17.76 -13.55 6.16
C LEU A 171 -17.84 -12.16 6.78
N GLY A 172 -17.17 -11.21 6.13
CA GLY A 172 -17.42 -9.80 6.36
C GLY A 172 -16.55 -9.12 7.38
N VAL A 173 -15.24 -9.36 7.34
CA VAL A 173 -14.30 -8.58 8.18
C VAL A 173 -13.17 -7.93 7.39
N SER A 174 -12.89 -6.66 7.68
CA SER A 174 -11.81 -5.92 7.03
C SER A 174 -10.92 -5.26 8.08
N ASP A 175 -10.03 -4.37 7.65
CA ASP A 175 -9.12 -3.69 8.57
C ASP A 175 -9.13 -2.17 8.37
N TYR A 176 -8.54 -1.45 9.32
CA TYR A 176 -8.45 0.01 9.30
C TYR A 176 -7.91 0.57 8.00
N ASN A 177 -6.96 -0.12 7.40
CA ASN A 177 -6.31 0.40 6.20
C ASN A 177 -7.14 0.12 4.96
N ASN A 178 -7.55 -1.13 4.75
CA ASN A 178 -8.34 -1.43 3.56
C ASN A 178 -9.64 -0.64 3.51
N ALA A 179 -10.22 -0.37 4.67
CA ALA A 179 -11.55 0.24 4.71
C ALA A 179 -11.55 1.77 4.58
N LEU A 180 -10.37 2.39 4.55
CA LEU A 180 -10.31 3.86 4.55
C LEU A 180 -11.05 4.46 3.36
N LYS A 181 -10.86 3.85 2.18
CA LYS A 181 -11.44 4.42 0.98
C LYS A 181 -12.93 4.11 0.81
N VAL A 182 -13.54 3.41 1.75
CA VAL A 182 -15.00 3.32 1.71
C VAL A 182 -15.63 4.31 2.69
N GLY A 183 -14.81 4.92 3.53
CA GLY A 183 -15.29 5.98 4.42
C GLY A 183 -15.08 5.70 5.90
N TYR A 184 -14.52 4.54 6.21
CA TYR A 184 -14.24 4.18 7.59
C TYR A 184 -13.30 5.18 8.24
N ASP A 185 -13.59 5.52 9.49
CA ASP A 185 -12.76 6.46 10.26
C ASP A 185 -11.95 5.71 11.32
N PRO A 186 -10.64 5.52 11.10
CA PRO A 186 -9.88 4.72 12.05
C PRO A 186 -9.58 5.47 13.34
N GLU A 187 -9.87 6.77 13.38
CA GLU A 187 -9.66 7.53 14.61
C GLU A 187 -10.79 7.28 15.62
N SER A 188 -12.03 7.25 15.13
CA SER A 188 -13.18 6.92 15.97
C SER A 188 -13.45 5.42 15.95
N GLU A 189 -12.73 4.71 15.08
CA GLU A 189 -12.90 3.28 14.90
C GLU A 189 -14.35 2.98 14.57
N SER A 190 -14.87 3.72 13.60
CA SER A 190 -16.27 3.56 13.23
C SER A 190 -16.52 4.04 11.82
N TYR A 191 -17.61 3.58 11.23
CA TYR A 191 -18.13 4.24 10.04
C TYR A 191 -18.90 5.46 10.51
N PRO A 192 -18.70 6.60 9.83
CA PRO A 192 -19.34 7.86 10.20
C PRO A 192 -20.83 7.88 9.90
N SER A 193 -21.58 8.75 10.57
CA SER A 193 -23.03 8.77 10.42
C SER A 193 -23.48 9.15 9.00
N TRP A 194 -22.68 9.92 8.28
CA TRP A 194 -23.08 10.30 6.94
C TRP A 194 -23.09 9.08 6.04
N LEU A 195 -22.31 8.06 6.39
CA LEU A 195 -22.27 6.84 5.61
C LEU A 195 -23.31 5.85 6.13
N LEU A 196 -23.37 5.68 7.45
CA LEU A 196 -24.34 4.77 8.05
C LEU A 196 -25.78 5.20 7.76
N GLY A 197 -25.96 6.46 7.39
CA GLY A 197 -27.28 6.99 7.07
C GLY A 197 -27.83 6.53 5.73
N GLN A 198 -26.99 5.89 4.91
CA GLN A 198 -27.42 5.42 3.59
C GLN A 198 -27.64 3.90 3.58
N PRO A 199 -28.56 3.41 2.72
CA PRO A 199 -28.93 1.99 2.82
C PRO A 199 -27.82 1.02 2.40
N TYR A 200 -26.93 1.43 1.49
CA TYR A 200 -25.84 0.55 1.08
C TYR A 200 -24.82 0.33 2.21
N SER A 201 -24.94 1.12 3.28
CA SER A 201 -24.06 0.90 4.44
C SER A 201 -24.30 -0.50 4.99
N GLN A 202 -25.46 -1.08 4.73
CA GLN A 202 -25.73 -2.41 5.28
C GLN A 202 -24.80 -3.48 4.69
N LEU A 203 -24.12 -3.14 3.59
CA LEU A 203 -23.19 -4.08 2.94
C LEU A 203 -21.79 -4.05 3.54
N LEU A 204 -21.52 -3.05 4.38
CA LEU A 204 -20.14 -2.83 4.84
C LEU A 204 -19.68 -3.91 5.81
N PRO A 205 -18.40 -4.28 5.72
CA PRO A 205 -17.82 -5.30 6.60
C PRO A 205 -17.54 -4.75 8.01
N LYS A 206 -17.52 -5.63 9.00
CA LYS A 206 -16.99 -5.24 10.31
C LYS A 206 -15.50 -4.96 10.12
N VAL A 207 -14.94 -4.09 10.95
CA VAL A 207 -13.55 -3.66 10.77
C VAL A 207 -12.73 -3.81 12.05
N GLN A 208 -11.57 -4.46 11.94
CA GLN A 208 -10.61 -4.59 13.05
C GLN A 208 -9.28 -3.90 12.72
N ALA A 209 -8.37 -3.86 13.68
CA ALA A 209 -7.01 -3.41 13.39
C ALA A 209 -6.30 -4.36 12.42
N PRO A 210 -5.40 -3.82 11.59
CA PRO A 210 -4.55 -4.68 10.77
C PRO A 210 -3.76 -5.64 11.66
N GLY A 211 -3.59 -6.88 11.21
CA GLY A 211 -2.81 -7.86 11.96
C GLY A 211 -3.46 -8.30 13.26
N THR A 212 -4.76 -8.52 13.25
CA THR A 212 -5.42 -9.08 14.43
C THR A 212 -6.18 -10.33 14.03
N SER A 213 -6.27 -11.27 14.95
CA SER A 213 -6.81 -12.60 14.64
C SER A 213 -8.28 -12.49 14.27
N ILE A 214 -8.67 -13.24 13.25
CA ILE A 214 -10.07 -13.37 12.84
C ILE A 214 -10.63 -14.69 13.32
N GLY A 215 -9.85 -15.75 13.13
CA GLY A 215 -10.28 -17.10 13.47
C GLY A 215 -9.24 -18.12 13.08
N ASN A 216 -9.51 -19.38 13.35
CA ASN A 216 -8.61 -20.44 12.97
C ASN A 216 -8.67 -20.70 11.47
N LEU A 217 -7.55 -21.15 10.91
CA LEU A 217 -7.53 -21.59 9.52
C LEU A 217 -8.50 -22.76 9.33
N LYS A 218 -9.29 -22.73 8.26
CA LYS A 218 -10.29 -23.77 8.01
C LYS A 218 -9.67 -25.15 7.93
N GLU A 219 -10.39 -26.14 8.47
CA GLU A 219 -9.89 -27.51 8.46
C GLU A 219 -9.54 -28.02 7.06
N SER A 220 -10.23 -27.53 6.04
CA SER A 220 -9.93 -27.97 4.69
C SER A 220 -8.48 -27.66 4.33
N PHE A 221 -7.99 -26.50 4.77
CA PHE A 221 -6.60 -26.12 4.49
C PHE A 221 -5.59 -26.87 5.37
N THR A 222 -5.93 -27.09 6.63
CA THR A 222 -5.02 -27.82 7.51
C THR A 222 -4.88 -29.25 6.99
N ARG A 223 -6.00 -29.88 6.61
CA ARG A 223 -5.93 -31.23 6.07
C ARG A 223 -5.24 -31.27 4.71
N GLN A 224 -5.56 -30.35 3.80
CA GLN A 224 -5.01 -30.44 2.45
C GLN A 224 -3.52 -30.10 2.40
N PHE A 225 -3.11 -29.07 3.14
CA PHE A 225 -1.75 -28.53 3.03
C PHE A 225 -0.87 -28.82 4.23
N GLY A 226 -1.43 -29.40 5.28
CA GLY A 226 -0.61 -29.78 6.42
C GLY A 226 -0.24 -28.66 7.37
N PHE A 227 -0.99 -27.55 7.34
CA PHE A 227 -0.83 -26.52 8.36
C PHE A 227 -1.26 -27.07 9.72
N PRO A 228 -0.64 -26.57 10.80
CA PRO A 228 -1.08 -27.06 12.11
C PRO A 228 -2.51 -26.64 12.45
N ASP A 229 -3.18 -27.47 13.25
CA ASP A 229 -4.58 -27.25 13.59
C ASP A 229 -4.88 -25.94 14.27
N ASP A 230 -3.88 -25.34 14.92
CA ASP A 230 -4.09 -24.09 15.65
C ASP A 230 -3.63 -22.87 14.87
N CYS A 231 -3.27 -23.06 13.60
CA CYS A 231 -2.93 -21.91 12.75
C CYS A 231 -4.08 -20.92 12.72
N ILE A 232 -3.79 -19.62 12.87
CA ILE A 232 -4.83 -18.61 12.79
C ILE A 232 -4.70 -17.79 11.53
N VAL A 233 -5.77 -17.08 11.21
CA VAL A 233 -5.80 -16.17 10.06
C VAL A 233 -6.07 -14.78 10.58
N CYS A 234 -5.25 -13.82 10.16
CA CYS A 234 -5.38 -12.45 10.67
C CYS A 234 -5.78 -11.46 9.59
N THR A 235 -6.38 -10.34 10.00
CA THR A 235 -6.66 -9.25 9.07
C THR A 235 -5.37 -8.77 8.42
N GLY A 236 -5.50 -8.19 7.24
CA GLY A 236 -4.36 -7.73 6.51
C GLY A 236 -4.30 -6.22 6.42
N THR A 237 -3.94 -5.74 5.24
CA THR A 237 -3.75 -4.33 4.97
C THR A 237 -3.64 -4.15 3.46
N THR A 238 -3.26 -2.95 3.02
CA THR A 238 -3.05 -2.71 1.60
C THR A 238 -1.58 -2.93 1.23
N ASP A 239 -1.33 -3.13 -0.06
CA ASP A 239 0.04 -3.45 -0.47
C ASP A 239 1.01 -2.30 -0.17
N SER A 240 0.56 -1.07 -0.37
CA SER A 240 1.41 0.10 -0.08
C SER A 240 1.84 0.16 1.40
N ILE A 241 0.90 -0.11 2.29
CA ILE A 241 1.17 -0.10 3.73
C ILE A 241 2.02 -1.31 4.14
N ALA A 242 1.78 -2.46 3.53
CA ALA A 242 2.58 -3.65 3.82
C ALA A 242 4.05 -3.42 3.45
N ALA A 243 4.24 -2.77 2.31
CA ALA A 243 5.59 -2.42 1.87
C ALA A 243 6.22 -1.49 2.89
N PHE A 244 5.48 -0.50 3.38
CA PHE A 244 6.04 0.33 4.44
C PHE A 244 6.42 -0.47 5.68
N LEU A 245 5.52 -1.37 6.10
CA LEU A 245 5.73 -2.15 7.31
C LEU A 245 6.99 -3.01 7.22
N ALA A 246 7.32 -3.44 6.01
CA ALA A 246 8.51 -4.24 5.79
C ALA A 246 9.80 -3.56 6.27
N ALA A 247 9.81 -2.23 6.33
CA ALA A 247 11.00 -1.50 6.73
C ALA A 247 11.27 -1.62 8.23
N ARG A 248 10.30 -2.17 8.95
CA ARG A 248 10.41 -2.43 10.38
C ARG A 248 10.71 -1.16 11.18
N ALA A 249 10.19 -0.03 10.69
CA ALA A 249 10.27 1.25 11.38
C ALA A 249 8.94 1.55 12.06
N THR A 250 8.97 1.74 13.38
CA THR A 250 7.73 1.80 14.14
C THR A 250 7.62 2.98 15.10
N GLU A 251 8.60 3.85 15.12
CA GLU A 251 8.54 5.01 16.01
C GLU A 251 8.14 6.26 15.23
N PRO A 252 7.40 7.17 15.89
CA PRO A 252 7.09 8.46 15.29
C PRO A 252 8.38 9.15 14.88
N GLY A 253 8.36 9.78 13.71
CA GLY A 253 9.54 10.44 13.19
C GLY A 253 10.34 9.56 12.26
N LYS A 254 10.08 8.26 12.27
CA LYS A 254 10.69 7.40 11.25
C LYS A 254 9.94 7.56 9.95
N ALA A 255 10.67 7.54 8.84
CA ALA A 255 10.07 7.71 7.53
C ALA A 255 10.65 6.74 6.52
N VAL A 256 9.88 6.47 5.48
CA VAL A 256 10.37 5.75 4.32
C VAL A 256 10.09 6.58 3.07
N THR A 257 11.14 6.83 2.32
CA THR A 257 11.04 7.40 0.97
C THR A 257 11.18 6.30 -0.07
N SER A 258 10.20 6.19 -0.96
CA SER A 258 10.29 5.30 -2.11
C SER A 258 10.74 6.09 -3.32
N LEU A 259 11.97 5.80 -3.73
CA LEU A 259 12.57 6.40 -4.91
C LEU A 259 12.25 5.50 -6.09
N GLY A 260 11.00 5.54 -6.52
CA GLY A 260 10.53 4.70 -7.60
C GLY A 260 10.36 5.54 -8.84
N SER A 261 9.44 5.14 -9.71
CA SER A 261 9.13 5.92 -10.90
C SER A 261 8.69 7.32 -10.49
N THR A 262 7.99 7.40 -9.36
CA THR A 262 7.68 8.69 -8.74
C THR A 262 8.18 8.70 -7.31
N LEU A 263 8.25 9.88 -6.71
CA LEU A 263 8.80 10.00 -5.37
C LEU A 263 7.68 9.92 -4.36
N ALA A 264 7.65 8.87 -3.53
CA ALA A 264 6.59 8.85 -2.52
C ALA A 264 7.20 8.83 -1.14
N ILE A 265 6.66 9.63 -0.22
CA ILE A 265 7.18 9.60 1.15
C ILE A 265 6.07 9.23 2.15
N LYS A 266 6.48 8.51 3.18
CA LYS A 266 5.59 8.10 4.28
C LYS A 266 6.27 8.36 5.61
N LEU A 267 5.56 9.04 6.50
CA LEU A 267 6.14 9.48 7.76
C LEU A 267 5.26 9.03 8.91
N LEU A 268 5.85 8.38 9.90
CA LEU A 268 5.07 7.93 11.06
C LEU A 268 4.91 9.09 12.04
N SER A 269 3.70 9.27 12.58
CA SER A 269 3.34 10.47 13.31
C SER A 269 2.42 10.15 14.47
N THR A 270 2.57 10.88 15.58
CA THR A 270 1.60 10.75 16.66
C THR A 270 0.34 11.56 16.38
N LYS A 271 0.39 12.44 15.37
CA LYS A 271 -0.73 13.30 15.01
C LYS A 271 -1.25 12.95 13.62
N ARG A 272 -2.57 12.84 13.50
CA ARG A 272 -3.21 12.57 12.21
C ARG A 272 -3.12 13.79 11.30
N VAL A 273 -2.88 13.55 10.02
CA VAL A 273 -2.79 14.65 9.04
C VAL A 273 -3.57 14.28 7.78
N ASP A 274 -4.56 15.10 7.44
CA ASP A 274 -5.26 14.94 6.17
C ASP A 274 -5.45 16.31 5.55
N ASP A 275 -4.99 16.48 4.32
CA ASP A 275 -5.10 17.78 3.68
C ASP A 275 -5.34 17.62 2.17
N ALA A 276 -6.51 18.05 1.73
CA ALA A 276 -6.95 17.81 0.35
C ALA A 276 -6.13 18.58 -0.67
N ARG A 277 -5.69 19.78 -0.29
CA ARG A 277 -4.94 20.63 -1.21
C ARG A 277 -3.75 19.87 -1.77
N TYR A 278 -3.09 19.13 -0.89
CA TYR A 278 -1.84 18.45 -1.22
C TYR A 278 -1.98 16.95 -1.40
N GLY A 279 -3.21 16.45 -1.32
CA GLY A 279 -3.46 15.03 -1.46
C GLY A 279 -2.85 14.22 -0.33
N VAL A 280 -2.66 14.87 0.81
CA VAL A 280 -2.07 14.20 1.96
C VAL A 280 -3.15 13.48 2.76
N TYR A 281 -2.85 12.24 3.14
CA TYR A 281 -3.84 11.36 3.74
C TYR A 281 -3.11 10.53 4.80
N SER A 282 -3.82 10.21 5.88
CA SER A 282 -3.27 9.37 6.94
C SER A 282 -3.96 8.02 7.07
N HIS A 283 -3.17 6.99 7.28
CA HIS A 283 -3.65 5.67 7.66
C HIS A 283 -3.31 5.37 9.11
N ARG A 284 -4.09 4.55 9.79
CA ARG A 284 -3.68 4.17 11.13
C ARG A 284 -2.69 3.00 11.11
N LEU A 285 -1.69 3.07 11.99
CA LEU A 285 -0.69 2.00 12.13
C LEU A 285 -0.41 1.82 13.62
N ASP A 286 -0.82 0.67 14.15
CA ASP A 286 -0.81 0.48 15.59
C ASP A 286 -1.55 1.70 16.22
N ASP A 287 -0.92 2.42 17.14
CA ASP A 287 -1.51 3.58 17.78
C ASP A 287 -1.05 4.91 17.20
N LYS A 288 -0.57 4.87 15.96
CA LYS A 288 0.05 6.02 15.31
C LYS A 288 -0.58 6.25 13.96
N TRP A 289 -0.09 7.27 13.25
CA TRP A 289 -0.61 7.64 11.96
C TRP A 289 0.49 7.64 10.91
N LEU A 290 0.26 6.95 9.81
CA LEU A 290 1.19 6.97 8.71
C LEU A 290 0.71 8.03 7.70
N VAL A 291 1.51 9.08 7.55
CA VAL A 291 1.16 10.25 6.77
C VAL A 291 1.88 10.17 5.43
N GLY A 292 1.13 10.22 4.33
CA GLY A 292 1.77 10.02 3.04
C GLY A 292 1.57 11.15 2.04
N GLY A 293 2.55 11.32 1.16
CA GLY A 293 2.40 12.22 0.03
C GLY A 293 3.26 11.76 -1.13
N ALA A 294 2.94 12.18 -2.35
CA ALA A 294 3.73 11.74 -3.50
C ALA A 294 3.93 12.85 -4.55
N SER A 295 5.15 12.92 -5.05
CA SER A 295 5.56 13.86 -6.09
C SER A 295 5.75 13.16 -7.42
N ASN A 296 5.51 13.91 -8.50
CA ASN A 296 5.73 13.41 -9.85
C ASN A 296 7.20 13.40 -10.25
N THR A 297 8.08 13.91 -9.40
CA THR A 297 9.51 13.81 -9.71
C THR A 297 9.99 12.40 -9.41
N GLY A 298 11.22 12.09 -9.76
CA GLY A 298 11.78 10.80 -9.40
C GLY A 298 12.28 9.98 -10.57
N GLY A 299 12.02 8.68 -10.53
CA GLY A 299 12.65 7.75 -11.45
C GLY A 299 12.24 7.85 -12.92
N ALA A 300 10.98 8.22 -13.16
CA ALA A 300 10.48 8.28 -14.53
C ALA A 300 11.27 9.31 -15.35
N ILE A 301 11.45 10.51 -14.80
CA ILE A 301 12.23 11.52 -15.50
C ILE A 301 13.71 11.11 -15.59
N LEU A 302 14.25 10.50 -14.53
CA LEU A 302 15.62 9.99 -14.59
C LEU A 302 15.81 9.01 -15.75
N ARG A 303 14.84 8.10 -15.92
CA ARG A 303 14.87 7.09 -16.98
C ARG A 303 14.73 7.75 -18.35
N GLN A 304 13.92 8.80 -18.41
CA GLN A 304 13.78 9.53 -19.67
C GLN A 304 15.14 10.08 -20.10
N LEU A 305 15.93 10.50 -19.13
CA LEU A 305 17.24 11.10 -19.42
C LEU A 305 18.42 10.11 -19.48
N PHE A 306 18.37 9.06 -18.66
CA PHE A 306 19.51 8.15 -18.51
C PHE A 306 19.06 6.70 -18.33
N SER A 307 19.81 5.76 -18.89
CA SER A 307 19.59 4.34 -18.64
C SER A 307 20.02 4.00 -17.22
N ASP A 308 19.61 2.84 -16.70
CA ASP A 308 20.07 2.40 -15.38
C ASP A 308 21.58 2.30 -15.32
N GLU A 309 22.18 1.88 -16.43
CA GLU A 309 23.62 1.70 -16.52
C GLU A 309 24.33 3.05 -16.52
N GLN A 310 23.76 4.02 -17.22
CA GLN A 310 24.31 5.37 -17.22
C GLN A 310 24.21 5.99 -15.82
N LEU A 311 23.07 5.80 -15.16
CA LEU A 311 22.92 6.29 -13.80
C LEU A 311 24.02 5.71 -12.92
N GLU A 312 24.20 4.39 -12.98
CA GLU A 312 25.34 3.70 -12.36
C GLU A 312 26.69 4.41 -12.55
N ARG A 313 27.11 4.45 -13.80
CA ARG A 313 28.44 4.93 -14.15
C ARG A 313 28.66 6.42 -13.83
N LEU A 314 27.72 7.26 -14.23
CA LEU A 314 27.81 8.70 -13.95
C LEU A 314 27.82 8.94 -12.44
N SER A 315 27.02 8.16 -11.71
CA SER A 315 26.96 8.31 -10.27
C SER A 315 28.30 8.03 -9.63
N GLN A 316 29.06 7.07 -10.15
CA GLN A 316 30.38 6.87 -9.53
C GLN A 316 31.34 8.07 -9.68
N GLU A 317 31.06 8.99 -10.60
CA GLU A 317 31.91 10.19 -10.76
C GLU A 317 31.47 11.37 -9.87
N ILE A 318 30.37 11.19 -9.16
CA ILE A 318 29.85 12.25 -8.30
C ILE A 318 30.55 12.26 -6.93
N ASN A 319 30.90 13.46 -6.46
CA ASN A 319 31.31 13.62 -5.07
C ASN A 319 30.10 14.09 -4.26
N PRO A 320 29.49 13.18 -3.49
CA PRO A 320 28.20 13.52 -2.88
C PRO A 320 28.33 14.53 -1.74
N MET A 321 29.55 14.84 -1.33
CA MET A 321 29.73 15.78 -0.24
C MET A 321 29.83 17.22 -0.74
N VAL A 322 29.82 17.39 -2.06
CA VAL A 322 29.81 18.73 -2.66
C VAL A 322 28.39 19.06 -3.08
N GLY A 323 27.93 20.27 -2.79
CA GLY A 323 26.56 20.65 -3.12
C GLY A 323 26.46 21.18 -4.54
N SER A 324 25.49 20.69 -5.30
CA SER A 324 25.29 21.22 -6.65
C SER A 324 24.64 22.61 -6.61
N PRO A 325 25.15 23.52 -7.45
CA PRO A 325 24.55 24.85 -7.53
C PRO A 325 23.25 24.85 -8.34
N LEU A 326 22.92 23.73 -8.98
CA LEU A 326 21.78 23.67 -9.90
C LEU A 326 20.44 23.52 -9.17
N ASP A 327 19.52 24.40 -9.51
CA ASP A 327 18.15 24.40 -8.99
C ASP A 327 17.23 23.82 -10.04
N TYR A 328 16.96 22.53 -9.94
CA TYR A 328 16.01 21.87 -10.84
C TYR A 328 14.70 21.50 -10.18
N TYR A 329 13.67 21.35 -11.00
CA TYR A 329 12.47 20.65 -10.59
C TYR A 329 12.18 19.60 -11.65
N PRO A 330 12.80 18.42 -11.49
CA PRO A 330 12.77 17.41 -12.55
C PRO A 330 11.39 16.76 -12.72
N LEU A 331 10.78 16.98 -13.87
CA LEU A 331 9.49 16.40 -14.22
C LEU A 331 9.48 16.05 -15.71
N GLN A 332 8.68 15.06 -16.08
CA GLN A 332 8.53 14.71 -17.49
C GLN A 332 7.57 15.66 -18.20
N SER A 333 6.59 16.16 -17.44
CA SER A 333 5.59 17.08 -17.94
C SER A 333 5.08 17.94 -16.80
N SER A 334 4.24 18.91 -17.11
CA SER A 334 3.80 19.86 -16.10
C SER A 334 2.81 19.25 -15.10
N GLY A 335 2.89 19.71 -13.86
CA GLY A 335 1.88 19.39 -12.86
C GLY A 335 2.42 18.73 -11.61
N GLU A 336 1.98 19.23 -10.47
CA GLU A 336 2.36 18.69 -9.18
C GLU A 336 1.21 18.89 -8.21
N ARG A 337 1.06 17.95 -7.28
CA ARG A 337 0.06 18.03 -6.23
C ARG A 337 0.74 18.20 -4.88
N PHE A 338 1.88 17.52 -4.74
CA PHE A 338 2.68 17.43 -3.51
C PHE A 338 4.16 17.38 -3.89
N PRO A 339 5.02 18.21 -3.25
CA PRO A 339 4.73 19.10 -2.13
C PRO A 339 4.34 20.51 -2.56
N ILE A 340 4.08 20.67 -3.85
CA ILE A 340 3.59 21.91 -4.42
C ILE A 340 2.26 21.63 -5.09
N ALA A 341 1.21 22.34 -4.70
CA ALA A 341 -0.10 22.12 -5.31
C ALA A 341 -0.29 23.06 -6.50
N ASP A 342 0.20 22.63 -7.67
CA ASP A 342 0.14 23.46 -8.87
C ASP A 342 0.01 22.58 -10.10
N PRO A 343 -1.19 22.53 -10.69
CA PRO A 343 -1.42 21.64 -11.84
C PRO A 343 -0.62 22.08 -13.06
N ASN A 344 -0.07 23.29 -13.00
CA ASN A 344 0.69 23.85 -14.10
C ASN A 344 2.18 24.00 -13.82
N LEU A 345 2.65 23.44 -12.70
CA LEU A 345 4.06 23.54 -12.35
C LEU A 345 4.94 23.02 -13.48
N ALA A 346 5.83 23.88 -13.99
CA ALA A 346 6.64 23.48 -15.14
C ALA A 346 7.84 22.64 -14.72
N PRO A 347 8.24 21.68 -15.57
CA PRO A 347 9.55 21.05 -15.35
C PRO A 347 10.61 22.12 -15.42
N ARG A 348 11.67 21.96 -14.65
CA ARG A 348 12.83 22.84 -14.77
C ARG A 348 14.09 22.00 -14.79
N LEU A 349 14.70 21.90 -15.98
CA LEU A 349 15.95 21.18 -16.16
C LEU A 349 16.98 22.05 -16.87
N LEU A 350 16.84 23.37 -16.72
CA LEU A 350 17.79 24.35 -17.25
C LEU A 350 18.42 25.17 -16.12
N PRO A 351 19.68 25.59 -16.28
CA PRO A 351 20.60 25.27 -17.39
C PRO A 351 21.08 23.84 -17.32
N ARG A 352 21.31 23.22 -18.48
CA ARG A 352 21.91 21.91 -18.52
C ARG A 352 23.40 22.01 -18.84
N PRO A 353 24.26 21.70 -17.88
CA PRO A 353 25.70 21.85 -18.12
C PRO A 353 26.21 20.86 -19.17
N GLU A 354 27.38 21.13 -19.74
CA GLU A 354 27.98 20.21 -20.69
C GLU A 354 28.24 18.84 -20.04
N SER A 355 28.75 18.84 -18.82
CA SER A 355 29.02 17.58 -18.11
C SER A 355 27.74 16.84 -17.70
N ASP A 356 27.61 15.61 -18.16
CA ASP A 356 26.49 14.77 -17.74
C ASP A 356 26.60 14.42 -16.25
N VAL A 357 27.82 14.39 -15.73
CA VAL A 357 27.99 14.14 -14.30
C VAL A 357 27.42 15.32 -13.49
N GLU A 358 27.78 16.55 -13.86
CA GLU A 358 27.22 17.72 -13.19
C GLU A 358 25.70 17.79 -13.35
N PHE A 359 25.20 17.46 -14.55
CA PHE A 359 23.76 17.43 -14.80
C PHE A 359 23.07 16.45 -13.85
N LEU A 360 23.60 15.23 -13.77
CA LEU A 360 23.00 14.20 -12.93
C LEU A 360 23.03 14.59 -11.46
N HIS A 361 24.18 15.06 -11.00
CA HIS A 361 24.36 15.54 -9.64
C HIS A 361 23.27 16.58 -9.33
N GLY A 362 23.08 17.52 -10.26
CA GLY A 362 22.03 18.52 -10.12
C GLY A 362 20.64 17.92 -9.99
N ILE A 363 20.34 16.92 -10.82
CA ILE A 363 19.04 16.25 -10.75
C ILE A 363 18.82 15.50 -9.42
N LEU A 364 19.82 14.75 -9.00
CA LEU A 364 19.71 13.95 -7.79
C LEU A 364 19.57 14.86 -6.56
N GLU A 365 20.36 15.94 -6.56
CA GLU A 365 20.33 16.88 -5.47
C GLU A 365 18.99 17.63 -5.43
N SER A 366 18.45 17.96 -6.60
CA SER A 366 17.18 18.67 -6.66
C SER A 366 16.01 17.76 -6.23
N ILE A 367 16.05 16.50 -6.62
CA ILE A 367 15.05 15.55 -6.13
C ILE A 367 15.16 15.44 -4.61
N ALA A 368 16.38 15.40 -4.07
CA ALA A 368 16.55 15.43 -2.61
C ALA A 368 15.92 16.70 -1.98
N ARG A 369 16.08 17.86 -2.62
CA ARG A 369 15.43 19.07 -2.13
C ARG A 369 13.90 18.92 -2.10
N ILE A 370 13.35 18.28 -3.13
CA ILE A 370 11.90 18.08 -3.21
C ILE A 370 11.44 17.14 -2.09
N GLU A 371 12.20 16.06 -1.87
CA GLU A 371 11.96 15.16 -0.74
C GLU A 371 11.95 15.92 0.60
N GLY A 372 12.98 16.75 0.82
CA GLY A 372 13.08 17.55 2.03
C GLY A 372 11.88 18.45 2.21
N LYS A 373 11.50 19.12 1.12
CA LYS A 373 10.36 20.00 1.13
C LYS A 373 9.10 19.22 1.48
N GLY A 374 8.99 17.99 1.00
CA GLY A 374 7.84 17.17 1.32
C GLY A 374 7.77 16.87 2.80
N TYR A 375 8.91 16.48 3.39
CA TYR A 375 8.90 16.17 4.82
C TYR A 375 8.61 17.41 5.67
N LYS A 376 9.16 18.55 5.24
CA LYS A 376 8.86 19.82 5.89
C LYS A 376 7.38 20.14 5.83
N LEU A 377 6.76 19.89 4.68
CA LEU A 377 5.34 20.19 4.51
C LEU A 377 4.52 19.32 5.45
N LEU A 378 4.85 18.02 5.49
CA LEU A 378 4.12 17.14 6.41
C LEU A 378 4.24 17.62 7.86
N LYS A 379 5.44 18.02 8.25
CA LYS A 379 5.63 18.57 9.60
C LYS A 379 4.77 19.81 9.83
N GLU A 380 4.72 20.70 8.84
CA GLU A 380 4.01 21.96 9.04
C GLU A 380 2.50 21.75 9.00
N LEU A 381 2.08 20.65 8.38
CA LEU A 381 0.66 20.27 8.40
C LEU A 381 0.30 19.56 9.71
N GLY A 382 1.30 19.27 10.52
CA GLY A 382 1.05 18.72 11.85
C GLY A 382 1.73 17.40 12.17
N ALA A 383 2.39 16.79 11.20
CA ALA A 383 3.00 15.49 11.47
C ALA A 383 4.20 15.62 12.40
N THR A 384 4.47 14.56 13.15
CA THR A 384 5.72 14.43 13.89
C THR A 384 6.90 14.63 12.95
N GLU A 385 7.85 15.50 13.32
CA GLU A 385 8.96 15.83 12.43
C GLU A 385 9.81 14.60 12.09
N ALA A 386 10.22 14.50 10.83
CA ALA A 386 11.09 13.39 10.41
C ALA A 386 12.41 13.38 11.17
N GLU A 387 12.82 12.19 11.62
CA GLU A 387 14.04 11.98 12.42
C GLU A 387 15.07 11.10 11.73
N GLU A 388 14.58 10.13 10.95
CA GLU A 388 15.44 9.23 10.19
C GLU A 388 14.68 8.79 8.94
N VAL A 389 15.37 8.76 7.81
CA VAL A 389 14.71 8.41 6.56
C VAL A 389 15.26 7.12 5.97
N LEU A 390 14.41 6.09 5.90
CA LEU A 390 14.76 4.84 5.25
C LEU A 390 14.40 4.94 3.76
N THR A 391 15.08 4.18 2.94
CA THR A 391 14.91 4.32 1.49
C THR A 391 14.54 3.01 0.83
N ALA A 392 13.53 3.07 -0.03
CA ALA A 392 13.09 1.95 -0.83
C ALA A 392 13.07 2.37 -2.31
N GLY A 393 12.76 1.43 -3.18
CA GLY A 393 12.70 1.72 -4.60
C GLY A 393 14.06 1.62 -5.28
N GLY A 394 14.06 1.77 -6.61
CA GLY A 394 15.28 1.69 -7.40
C GLY A 394 16.38 2.62 -6.91
N GLY A 395 15.97 3.82 -6.51
CA GLY A 395 16.92 4.82 -6.06
C GLY A 395 17.70 4.40 -4.83
N ALA A 396 17.16 3.44 -4.09
CA ALA A 396 17.83 3.02 -2.87
C ALA A 396 19.16 2.32 -3.16
N LYS A 397 19.36 1.81 -4.37
CA LYS A 397 20.63 1.09 -4.61
C LYS A 397 21.78 2.05 -4.94
N ASN A 398 21.47 3.34 -5.03
CA ASN A 398 22.48 4.34 -5.36
C ASN A 398 23.05 4.97 -4.09
N ASP A 399 24.22 4.53 -3.65
CA ASP A 399 24.75 4.98 -2.36
C ASP A 399 25.22 6.43 -2.39
N LYS A 400 25.67 6.87 -3.56
CA LYS A 400 25.97 8.29 -3.76
C LYS A 400 24.73 9.14 -3.51
N TRP A 401 23.59 8.70 -4.04
CA TRP A 401 22.35 9.43 -3.85
C TRP A 401 21.91 9.39 -2.39
N ILE A 402 22.21 8.28 -1.70
CA ILE A 402 21.90 8.21 -0.28
C ILE A 402 22.69 9.27 0.47
N LYS A 403 23.96 9.42 0.13
CA LYS A 403 24.81 10.42 0.80
C LYS A 403 24.36 11.86 0.47
N ILE A 404 24.02 12.08 -0.80
CA ILE A 404 23.49 13.38 -1.22
C ILE A 404 22.25 13.72 -0.41
N ARG A 405 21.37 12.74 -0.27
CA ARG A 405 20.11 12.96 0.43
C ARG A 405 20.34 13.17 1.92
N GLN A 406 21.29 12.46 2.51
CA GLN A 406 21.61 12.68 3.92
C GLN A 406 22.07 14.12 4.13
N ARG A 407 22.90 14.61 3.23
CA ARG A 407 23.39 15.99 3.35
C ARG A 407 22.27 17.02 3.16
N VAL A 408 21.48 16.86 2.10
CA VAL A 408 20.44 17.83 1.75
C VAL A 408 19.28 17.80 2.75
N LEU A 409 18.87 16.62 3.17
CA LEU A 409 17.79 16.49 4.14
C LEU A 409 18.24 16.94 5.53
N GLY A 410 19.54 16.80 5.79
CA GLY A 410 20.07 17.11 7.11
C GLY A 410 19.58 16.12 8.14
N LEU A 411 19.39 14.88 7.70
CA LEU A 411 18.91 13.79 8.54
C LEU A 411 19.65 12.51 8.21
N PRO A 412 19.75 11.57 9.16
CA PRO A 412 20.34 10.29 8.76
C PRO A 412 19.46 9.55 7.75
N VAL A 413 20.11 9.05 6.72
CA VAL A 413 19.43 8.35 5.64
C VAL A 413 20.10 7.00 5.43
N LYS A 414 19.30 5.95 5.29
CA LYS A 414 19.82 4.65 4.89
C LYS A 414 18.82 3.85 4.07
N LYS A 415 19.26 2.67 3.64
CA LYS A 415 18.41 1.69 2.96
C LYS A 415 17.46 1.00 3.93
N ALA A 416 16.19 0.88 3.56
CA ALA A 416 15.29 -0.03 4.28
C ALA A 416 15.80 -1.45 4.09
N VAL A 417 15.84 -2.24 5.15
CA VAL A 417 16.41 -3.58 5.04
C VAL A 417 15.47 -4.51 4.27
N HIS A 418 14.15 -4.38 4.48
CA HIS A 418 13.17 -5.10 3.68
C HIS A 418 12.18 -4.13 3.07
N THR A 419 11.73 -4.43 1.86
CA THR A 419 10.78 -3.55 1.16
C THR A 419 9.60 -4.30 0.54
N GLU A 420 9.62 -5.64 0.59
CA GLU A 420 8.55 -6.43 -0.02
C GLU A 420 7.28 -6.37 0.80
N ALA A 421 6.16 -6.07 0.14
CA ALA A 421 4.87 -6.06 0.82
C ALA A 421 4.61 -7.40 1.53
N SER A 422 4.97 -8.52 0.89
CA SER A 422 4.67 -9.83 1.52
C SER A 422 5.42 -10.00 2.83
N TYR A 423 6.60 -9.38 2.94
CA TYR A 423 7.35 -9.39 4.20
C TYR A 423 6.54 -8.62 5.28
N GLY A 424 6.00 -7.47 4.89
CA GLY A 424 5.23 -6.67 5.83
C GLY A 424 3.98 -7.40 6.29
N ALA A 425 3.36 -8.13 5.35
CA ALA A 425 2.21 -8.95 5.69
C ALA A 425 2.61 -10.06 6.67
N SER A 426 3.83 -10.60 6.53
CA SER A 426 4.24 -11.64 7.48
C SER A 426 4.44 -11.04 8.87
N LEU A 427 4.86 -9.77 8.93
CA LEU A 427 4.94 -9.09 10.22
C LEU A 427 3.55 -8.92 10.83
N LEU A 428 2.54 -8.67 9.99
CA LEU A 428 1.18 -8.60 10.54
C LEU A 428 0.71 -9.95 11.08
N ALA A 429 1.06 -11.03 10.38
CA ALA A 429 0.76 -12.37 10.88
C ALA A 429 1.40 -12.58 12.27
N LEU A 430 2.65 -12.17 12.39
CA LEU A 430 3.37 -12.29 13.66
C LEU A 430 2.70 -11.47 14.78
N LYS A 431 2.38 -10.21 14.49
CA LYS A 431 1.67 -9.36 15.42
C LYS A 431 0.35 -10.01 15.90
N GLY A 432 -0.44 -10.50 14.96
CA GLY A 432 -1.68 -11.18 15.26
C GLY A 432 -1.48 -12.36 16.18
N ALA A 433 -0.44 -13.16 15.91
CA ALA A 433 -0.18 -14.33 16.75
C ALA A 433 0.24 -13.94 18.17
N LYS A 434 1.12 -12.96 18.29
CA LYS A 434 1.55 -12.50 19.61
C LYS A 434 0.38 -11.91 20.41
N GLN A 435 -0.48 -11.13 19.75
CA GLN A 435 -1.65 -10.56 20.41
C GLN A 435 -2.61 -11.67 20.83
N ASN A 436 -2.75 -12.69 19.99
CA ASN A 436 -3.65 -13.81 20.28
C ASN A 436 -3.20 -14.63 21.50
N SER A 437 -1.90 -14.68 21.76
CA SER A 437 -1.41 -15.37 22.95
C SER A 437 -0.93 -14.36 24.00
#